data_3WIZ
#
_entry.id   3WIZ
#
_cell.length_a   152.661
_cell.length_b   152.661
_cell.length_c   152.661
_cell.angle_alpha   90.00
_cell.angle_beta   90.00
_cell.angle_gamma   90.00
#
_symmetry.space_group_name_H-M   'I 21 3'
#
loop_
_entity.id
_entity.type
_entity.pdbx_description
1 polymer 'Bcl-2-like protein 1'
2 non-polymer '7-(4-{[(4-{[(2R)-4-(dimethylamino)-1-(phenylsulfanyl)butan-2-yl]amino}-3-nitrophenyl)sulfonyl]carbamoyl}-2-methylphenyl)-3-[3-(naphthalen-1-yloxy)propyl]pyrazolo[1,5-a]pyridine-2-carboxylic acid'
3 non-polymer 'PHOSPHATE ION'
4 water water
#
_entity_poly.entity_id   1
_entity_poly.type   'polypeptide(L)'
_entity_poly.pdbx_seq_one_letter_code
;MSQSNRELVVDFLSYKLSQKGYSWSQFSDVEENRTEAPEGTESEAVKQALREAGDEFELRYRRAFSDLTSQLHITPGTAY
QSFEQVVNELFRDGVNWGRIVAFFSFGGALCVESVDKEMQVLVSRIAAWMATYLNDHLEPWIQENGGWDTFVELYGNNAA
AESRKGQERLEHHHHHH
;
_entity_poly.pdbx_strand_id   A,B
#
# COMPACT_ATOMS: atom_id res chain seq x y z
N GLN A 3 -27.79 -9.65 9.66
CA GLN A 3 -26.31 -9.45 9.89
C GLN A 3 -25.53 -9.25 8.57
N SER A 4 -24.97 -8.05 8.40
CA SER A 4 -24.30 -7.64 7.16
C SER A 4 -23.01 -8.41 6.84
N ASN A 5 -23.03 -9.11 5.71
CA ASN A 5 -21.85 -9.83 5.22
C ASN A 5 -20.71 -8.91 4.78
N ARG A 6 -21.06 -7.76 4.19
CA ARG A 6 -20.05 -6.80 3.75
C ARG A 6 -19.28 -6.23 4.96
N GLU A 7 -19.98 -6.07 6.08
CA GLU A 7 -19.39 -5.48 7.26
C GLU A 7 -18.34 -6.42 7.85
N LEU A 8 -18.65 -7.72 7.85
CA LEU A 8 -17.71 -8.78 8.19
C LEU A 8 -16.43 -8.75 7.34
N VAL A 9 -16.61 -8.73 6.02
CA VAL A 9 -15.49 -8.67 5.08
C VAL A 9 -14.57 -7.53 5.45
N VAL A 10 -15.13 -6.32 5.54
CA VAL A 10 -14.38 -5.09 5.83
C VAL A 10 -13.64 -5.21 7.17
N ASP A 11 -14.31 -5.75 8.19
CA ASP A 11 -13.68 -5.95 9.46
C ASP A 11 -12.51 -6.95 9.37
N PHE A 12 -12.78 -8.13 8.79
CA PHE A 12 -11.77 -9.17 8.69
C PHE A 12 -10.54 -8.68 7.91
N LEU A 13 -10.76 -8.02 6.78
CA LEU A 13 -9.65 -7.50 5.98
C LEU A 13 -8.82 -6.47 6.73
N SER A 14 -9.48 -5.55 7.44
CA SER A 14 -8.79 -4.50 8.21
C SER A 14 -7.98 -5.13 9.32
N TYR A 15 -8.57 -6.10 10.00
CA TYR A 15 -7.88 -6.82 11.05
C TYR A 15 -6.64 -7.51 10.51
N LYS A 16 -6.77 -8.22 9.39
CA LYS A 16 -5.63 -8.94 8.83
C LYS A 16 -4.53 -8.03 8.35
N LEU A 17 -4.90 -6.92 7.69
CA LEU A 17 -3.92 -5.93 7.23
C LEU A 17 -3.12 -5.34 8.41
N SER A 18 -3.85 -4.95 9.44
CA SER A 18 -3.27 -4.37 10.64
C SER A 18 -2.36 -5.40 11.33
N GLN A 19 -2.88 -6.61 11.50
CA GLN A 19 -2.15 -7.71 12.13
C GLN A 19 -0.77 -7.95 11.47
N LYS A 20 -0.72 -7.81 10.14
CA LYS A 20 0.51 -7.96 9.38
C LYS A 20 1.39 -6.70 9.27
N GLY A 21 0.96 -5.62 9.92
CA GLY A 21 1.71 -4.36 9.90
C GLY A 21 1.57 -3.67 8.55
N TYR A 22 0.36 -3.72 7.98
CA TYR A 22 0.07 -2.94 6.78
C TYR A 22 -0.60 -1.66 7.18
N SER A 23 -0.28 -0.59 6.45
CA SER A 23 -0.80 0.74 6.77
C SER A 23 -0.47 1.73 5.68
N TRP A 24 -1.49 2.46 5.30
CA TRP A 24 -1.31 3.70 4.56
C TRP A 24 -2.39 4.49 5.27
N SER A 25 -2.21 5.79 5.35
CA SER A 25 -2.94 6.62 6.31
C SER A 25 -2.37 6.34 7.70
N GLN A 26 -2.68 7.21 8.66
CA GLN A 26 -2.21 7.00 10.02
C GLN A 26 -3.01 5.94 10.84
N PHE A 27 -3.94 5.24 10.18
CA PHE A 27 -4.71 4.17 10.83
C PHE A 27 -3.91 2.87 10.88
N THR A 41 -22.84 -5.21 20.05
CA THR A 41 -22.64 -6.39 20.88
C THR A 41 -23.03 -7.64 20.10
N GLU A 42 -24.12 -7.54 19.35
CA GLU A 42 -24.61 -8.62 18.48
C GLU A 42 -23.64 -8.78 17.31
N SER A 43 -23.41 -7.68 16.61
CA SER A 43 -22.46 -7.62 15.51
C SER A 43 -21.03 -7.89 16.00
N GLU A 44 -20.69 -7.32 17.15
CA GLU A 44 -19.34 -7.41 17.72
C GLU A 44 -18.88 -8.84 17.95
N ALA A 45 -19.76 -9.63 18.54
CA ALA A 45 -19.47 -11.01 18.90
C ALA A 45 -19.16 -11.91 17.70
N VAL A 46 -19.86 -11.66 16.58
CA VAL A 46 -19.60 -12.40 15.33
C VAL A 46 -18.22 -12.02 14.76
N LYS A 47 -17.92 -10.73 14.75
CA LYS A 47 -16.63 -10.26 14.27
C LYS A 47 -15.48 -10.88 15.07
N GLN A 48 -15.59 -10.85 16.40
CA GLN A 48 -14.55 -11.37 17.27
C GLN A 48 -14.33 -12.85 17.05
N ALA A 49 -15.42 -13.59 16.89
CA ALA A 49 -15.36 -15.02 16.73
C ALA A 49 -14.74 -15.36 15.36
N LEU A 50 -15.07 -14.57 14.34
CA LEU A 50 -14.50 -14.73 12.99
C LEU A 50 -13.00 -14.43 12.95
N ARG A 51 -12.61 -13.29 13.52
CA ARG A 51 -11.20 -12.95 13.71
C ARG A 51 -10.41 -14.08 14.36
N GLU A 52 -10.94 -14.58 15.49
CA GLU A 52 -10.31 -15.65 16.24
C GLU A 52 -10.26 -16.98 15.49
N ALA A 53 -11.35 -17.34 14.85
CA ALA A 53 -11.39 -18.55 14.04
C ALA A 53 -10.44 -18.44 12.84
N GLY A 54 -10.36 -17.25 12.25
CA GLY A 54 -9.44 -17.02 11.13
C GLY A 54 -8.00 -17.14 11.60
N ASP A 55 -7.73 -16.61 12.79
CA ASP A 55 -6.40 -16.72 13.39
C ASP A 55 -5.99 -18.16 13.66
N GLU A 56 -6.90 -18.94 14.25
CA GLU A 56 -6.58 -20.33 14.57
C GLU A 56 -6.41 -21.14 13.29
N PHE A 57 -7.27 -20.87 12.32
CA PHE A 57 -7.21 -21.55 11.03
C PHE A 57 -5.85 -21.36 10.38
N GLU A 58 -5.38 -20.11 10.41
CA GLU A 58 -4.08 -19.74 9.88
C GLU A 58 -2.93 -20.40 10.66
N LEU A 59 -3.05 -20.48 11.98
CA LEU A 59 -2.00 -21.13 12.76
C LEU A 59 -1.96 -22.62 12.46
N ARG A 60 -3.14 -23.24 12.29
CA ARG A 60 -3.18 -24.67 12.04
C ARG A 60 -2.83 -25.05 10.62
N TYR A 61 -3.30 -24.26 9.66
CA TYR A 61 -3.19 -24.66 8.26
C TYR A 61 -2.28 -23.82 7.37
N ARG A 62 -1.55 -22.86 7.92
CA ARG A 62 -0.81 -21.94 7.03
C ARG A 62 0.26 -22.66 6.22
N ARG A 63 0.87 -23.68 6.82
CA ARG A 63 1.83 -24.50 6.10
C ARG A 63 1.17 -25.24 4.92
N ALA A 64 0.09 -25.97 5.18
CA ALA A 64 -0.66 -26.67 4.12
C ALA A 64 -1.19 -25.72 3.03
N PHE A 65 -1.62 -24.53 3.43
CA PHE A 65 -2.06 -23.47 2.51
C PHE A 65 -0.84 -22.89 1.79
N SER A 66 0.22 -22.62 2.56
CA SER A 66 1.41 -21.85 2.12
C SER A 66 1.90 -22.05 0.69
N ASP A 67 1.80 -23.29 0.21
CA ASP A 67 2.14 -23.63 -1.17
C ASP A 67 1.39 -22.71 -2.16
N LEU A 68 0.07 -22.60 -1.96
CA LEU A 68 -0.81 -21.80 -2.82
C LEU A 68 -0.88 -20.33 -2.39
N THR A 69 -0.77 -20.08 -1.09
CA THR A 69 -0.82 -18.73 -0.50
C THR A 69 0.20 -17.77 -1.12
N SER A 70 1.33 -18.31 -1.56
CA SER A 70 2.51 -17.51 -1.88
C SER A 70 2.48 -16.75 -3.20
N GLN A 71 2.32 -17.47 -4.32
CA GLN A 71 2.45 -16.85 -5.65
C GLN A 71 1.22 -16.06 -6.12
N LEU A 72 0.03 -16.46 -5.66
CA LEU A 72 -1.22 -15.82 -6.08
C LEU A 72 -1.35 -14.37 -5.56
N HIS A 73 -1.30 -13.44 -6.51
CA HIS A 73 -1.27 -12.00 -6.25
C HIS A 73 -2.09 -11.30 -7.32
N ILE A 74 -3.13 -10.56 -6.90
CA ILE A 74 -4.02 -9.93 -7.87
C ILE A 74 -3.48 -8.62 -8.43
N THR A 75 -3.74 -8.40 -9.71
CA THR A 75 -3.22 -7.26 -10.42
C THR A 75 -4.43 -6.45 -10.91
N PRO A 76 -4.20 -5.21 -11.38
CA PRO A 76 -5.24 -4.35 -11.98
C PRO A 76 -6.21 -5.07 -12.93
N GLY A 77 -5.76 -6.18 -13.53
CA GLY A 77 -6.59 -6.86 -14.52
C GLY A 77 -7.23 -8.18 -14.12
N THR A 78 -6.84 -8.73 -12.96
CA THR A 78 -7.41 -9.99 -12.49
C THR A 78 -8.94 -9.92 -12.52
N ALA A 79 -9.57 -10.93 -13.11
CA ALA A 79 -11.02 -10.93 -13.26
C ALA A 79 -11.71 -11.60 -12.07
N TYR A 80 -12.83 -11.04 -11.63
CA TYR A 80 -13.60 -11.65 -10.57
C TYR A 80 -13.87 -13.14 -10.87
N GLN A 81 -14.08 -13.47 -12.15
CA GLN A 81 -14.47 -14.84 -12.54
C GLN A 81 -13.39 -15.86 -12.21
N SER A 82 -12.12 -15.44 -12.33
CA SER A 82 -10.99 -16.29 -11.95
C SER A 82 -11.02 -16.57 -10.45
N PHE A 83 -11.20 -15.50 -9.69
CA PHE A 83 -11.36 -15.58 -8.23
C PHE A 83 -12.49 -16.55 -7.88
N GLU A 84 -13.63 -16.38 -8.55
CA GLU A 84 -14.80 -17.20 -8.29
C GLU A 84 -14.57 -18.68 -8.61
N GLN A 85 -13.96 -18.95 -9.77
CA GLN A 85 -13.59 -20.32 -10.17
C GLN A 85 -12.66 -20.98 -9.15
N VAL A 86 -11.70 -20.22 -8.62
CA VAL A 86 -10.76 -20.78 -7.65
C VAL A 86 -11.45 -21.05 -6.32
N VAL A 87 -12.22 -20.08 -5.84
CA VAL A 87 -12.92 -20.21 -4.58
C VAL A 87 -13.99 -21.33 -4.62
N ASN A 88 -14.65 -21.52 -5.77
CA ASN A 88 -15.65 -22.62 -5.94
C ASN A 88 -15.09 -24.00 -5.58
N GLU A 89 -13.78 -24.18 -5.74
CA GLU A 89 -13.13 -25.44 -5.40
C GLU A 89 -13.25 -25.78 -3.91
N LEU A 90 -13.10 -24.75 -3.08
CA LEU A 90 -13.21 -24.88 -1.64
C LEU A 90 -14.60 -25.37 -1.24
N PHE A 91 -15.58 -25.10 -2.08
CA PHE A 91 -16.97 -25.38 -1.74
C PHE A 91 -17.59 -26.47 -2.60
N ARG A 92 -16.78 -27.13 -3.43
CA ARG A 92 -17.28 -28.17 -4.32
C ARG A 92 -18.09 -29.25 -3.59
N ASP A 93 -17.60 -29.70 -2.43
CA ASP A 93 -18.32 -30.67 -1.60
C ASP A 93 -19.37 -30.07 -0.66
N GLY A 94 -19.69 -28.79 -0.86
CA GLY A 94 -20.71 -28.15 -0.03
C GLY A 94 -20.18 -27.14 0.97
N VAL A 95 -21.09 -26.36 1.52
CA VAL A 95 -20.77 -25.28 2.42
C VAL A 95 -20.86 -25.71 3.88
N ASN A 96 -19.81 -25.43 4.65
CA ASN A 96 -19.91 -25.44 6.11
C ASN A 96 -19.10 -24.30 6.73
N TRP A 97 -19.25 -24.10 8.04
CA TRP A 97 -18.61 -22.99 8.74
C TRP A 97 -17.10 -22.96 8.55
N GLY A 98 -16.47 -24.14 8.60
CA GLY A 98 -15.03 -24.25 8.47
C GLY A 98 -14.56 -23.72 7.13
N ARG A 99 -15.26 -24.10 6.09
CA ARG A 99 -14.96 -23.64 4.75
C ARG A 99 -15.24 -22.15 4.60
N ILE A 100 -16.26 -21.64 5.31
CA ILE A 100 -16.51 -20.20 5.31
C ILE A 100 -15.34 -19.43 5.93
N VAL A 101 -14.83 -19.93 7.05
CA VAL A 101 -13.67 -19.34 7.70
C VAL A 101 -12.44 -19.38 6.79
N ALA A 102 -12.26 -20.51 6.11
CA ALA A 102 -11.15 -20.69 5.16
C ALA A 102 -11.24 -19.65 4.06
N PHE A 103 -12.46 -19.39 3.62
CA PHE A 103 -12.72 -18.38 2.60
C PHE A 103 -12.29 -16.98 3.05
N PHE A 104 -12.72 -16.57 4.25
CA PHE A 104 -12.28 -15.30 4.81
C PHE A 104 -10.74 -15.23 4.93
N SER A 105 -10.11 -16.31 5.38
CA SER A 105 -8.63 -16.31 5.56
C SER A 105 -7.90 -16.26 4.22
N PHE A 106 -8.46 -16.96 3.25
CA PHE A 106 -7.95 -16.95 1.90
C PHE A 106 -8.00 -15.54 1.36
N GLY A 107 -9.18 -14.92 1.42
CA GLY A 107 -9.34 -13.51 1.00
C GLY A 107 -8.35 -12.58 1.70
N GLY A 108 -8.18 -12.77 3.02
CA GLY A 108 -7.25 -11.94 3.79
C GLY A 108 -5.81 -12.17 3.35
N ALA A 109 -5.47 -13.39 2.97
CA ALA A 109 -4.12 -13.67 2.53
C ALA A 109 -3.88 -13.11 1.12
N LEU A 110 -4.86 -13.25 0.25
CA LEU A 110 -4.81 -12.65 -1.08
C LEU A 110 -4.54 -11.14 -0.98
N CYS A 111 -5.34 -10.51 -0.14
CA CYS A 111 -5.31 -9.09 0.08
C CYS A 111 -3.97 -8.61 0.61
N VAL A 112 -3.46 -9.28 1.64
CA VAL A 112 -2.17 -8.98 2.24
C VAL A 112 -1.04 -9.12 1.21
N GLU A 113 -1.08 -10.22 0.45
CA GLU A 113 -0.07 -10.51 -0.56
C GLU A 113 -0.10 -9.53 -1.74
N SER A 114 -1.29 -9.18 -2.23
CA SER A 114 -1.44 -8.23 -3.32
C SER A 114 -0.97 -6.82 -2.93
N VAL A 115 -1.37 -6.37 -1.74
CA VAL A 115 -0.97 -5.04 -1.27
C VAL A 115 0.55 -4.94 -1.19
N ASP A 116 1.16 -5.96 -0.59
CA ASP A 116 2.63 -6.06 -0.45
C ASP A 116 3.32 -5.85 -1.82
N LYS A 117 2.96 -6.69 -2.79
CA LYS A 117 3.58 -6.66 -4.11
C LYS A 117 3.31 -5.36 -4.87
N GLU A 118 2.05 -4.95 -4.97
CA GLU A 118 1.66 -3.73 -5.66
C GLU A 118 2.33 -2.48 -5.08
N MET A 119 2.45 -2.43 -3.76
CA MET A 119 3.16 -1.30 -3.13
C MET A 119 4.65 -1.25 -3.45
N GLN A 120 5.28 -2.42 -3.44
CA GLN A 120 6.69 -2.49 -3.77
C GLN A 120 6.89 -1.97 -5.21
N VAL A 121 6.06 -2.47 -6.13
CA VAL A 121 6.14 -2.10 -7.54
C VAL A 121 5.96 -0.58 -7.73
N LEU A 122 4.93 -0.04 -7.09
CA LEU A 122 4.62 1.37 -7.20
C LEU A 122 5.73 2.28 -6.66
N VAL A 123 6.19 1.99 -5.44
CA VAL A 123 7.22 2.80 -4.84
C VAL A 123 8.55 2.69 -5.60
N SER A 124 8.87 1.50 -6.09
CA SER A 124 10.14 1.33 -6.78
C SER A 124 10.13 1.98 -8.17
N ARG A 125 8.96 2.05 -8.79
CA ARG A 125 8.80 2.78 -10.07
C ARG A 125 9.05 4.27 -9.87
N ILE A 126 8.45 4.84 -8.83
CA ILE A 126 8.64 6.27 -8.53
C ILE A 126 10.09 6.55 -8.11
N ALA A 127 10.67 5.67 -7.31
CA ALA A 127 12.10 5.78 -7.01
C ALA A 127 12.94 5.77 -8.30
N ALA A 128 12.63 4.88 -9.23
CA ALA A 128 13.40 4.84 -10.49
C ALA A 128 13.23 6.14 -11.32
N TRP A 129 12.02 6.66 -11.36
CA TRP A 129 11.72 7.93 -12.04
C TRP A 129 12.57 9.07 -11.48
N MET A 130 12.61 9.16 -10.15
CA MET A 130 13.37 10.21 -9.48
C MET A 130 14.86 10.06 -9.74
N ALA A 131 15.37 8.83 -9.62
CA ALA A 131 16.77 8.54 -9.88
C ALA A 131 17.15 8.90 -11.32
N THR A 132 16.30 8.52 -12.28
CA THR A 132 16.48 8.92 -13.67
C THR A 132 16.56 10.44 -13.82
N TYR A 133 15.62 11.17 -13.22
CA TYR A 133 15.57 12.63 -13.35
C TYR A 133 16.80 13.28 -12.73
N LEU A 134 17.21 12.79 -11.56
CA LEU A 134 18.44 13.27 -10.92
C LEU A 134 19.67 13.10 -11.80
N ASN A 135 19.84 11.91 -12.35
CA ASN A 135 21.00 11.60 -13.19
C ASN A 135 21.07 12.42 -14.49
N ASP A 136 19.95 12.53 -15.21
CA ASP A 136 19.91 13.31 -16.44
C ASP A 136 20.00 14.84 -16.25
N HIS A 137 19.21 15.40 -15.33
CA HIS A 137 19.04 16.85 -15.30
C HIS A 137 19.76 17.55 -14.17
N LEU A 138 20.11 16.84 -13.09
CA LEU A 138 20.56 17.52 -11.87
C LEU A 138 21.96 17.19 -11.42
N GLU A 139 22.39 15.95 -11.66
CA GLU A 139 23.74 15.51 -11.28
C GLU A 139 24.87 16.38 -11.85
N PRO A 140 24.80 16.78 -13.14
CA PRO A 140 25.85 17.68 -13.63
C PRO A 140 25.96 18.97 -12.83
N TRP A 141 24.84 19.60 -12.52
CA TRP A 141 24.86 20.80 -11.67
C TRP A 141 25.43 20.52 -10.28
N ILE A 142 25.02 19.40 -9.69
CA ILE A 142 25.44 19.05 -8.35
C ILE A 142 26.97 18.94 -8.28
N GLN A 143 27.55 18.26 -9.28
CA GLN A 143 29.01 18.11 -9.40
C GLN A 143 29.72 19.43 -9.65
N GLU A 144 29.08 20.30 -10.41
CA GLU A 144 29.60 21.62 -10.71
C GLU A 144 29.61 22.55 -9.50
N ASN A 145 28.69 22.33 -8.56
CA ASN A 145 28.51 23.25 -7.44
C ASN A 145 28.86 22.70 -6.07
N GLY A 146 29.78 21.74 -6.04
CA GLY A 146 30.40 21.28 -4.80
C GLY A 146 29.96 19.93 -4.27
N GLY A 147 29.10 19.25 -5.01
CA GLY A 147 28.55 17.97 -4.56
C GLY A 147 27.62 18.16 -3.38
N TRP A 148 27.16 17.05 -2.81
CA TRP A 148 26.22 17.08 -1.69
C TRP A 148 26.82 17.57 -0.36
N ASP A 149 28.15 17.59 -0.26
CA ASP A 149 28.84 18.07 0.94
C ASP A 149 28.66 19.58 1.10
N THR A 150 28.63 20.27 -0.03
CA THR A 150 28.37 21.70 -0.04
C THR A 150 26.93 21.97 0.40
N PHE A 151 26.02 21.09 -0.01
CA PHE A 151 24.63 21.21 0.42
C PHE A 151 24.54 21.11 1.95
N VAL A 152 25.25 20.14 2.51
CA VAL A 152 25.28 19.97 3.96
C VAL A 152 25.87 21.21 4.65
N GLU A 153 27.00 21.69 4.14
CA GLU A 153 27.65 22.89 4.70
C GLU A 153 26.68 24.06 4.67
N LEU A 154 26.00 24.24 3.53
CA LEU A 154 25.12 25.38 3.34
C LEU A 154 23.81 25.24 4.11
N TYR A 155 23.19 24.07 4.07
CA TYR A 155 21.82 23.93 4.53
C TYR A 155 21.59 22.82 5.55
N GLY A 156 22.67 22.42 6.21
CA GLY A 156 22.62 21.49 7.33
C GLY A 156 23.20 22.15 8.56
N GLN B 3 28.90 10.40 -4.29
CA GLN B 3 27.65 10.23 -3.45
C GLN B 3 26.44 9.78 -4.29
N SER B 4 25.93 8.59 -3.98
CA SER B 4 24.84 7.95 -4.74
C SER B 4 23.48 8.64 -4.62
N ASN B 5 22.97 9.13 -5.75
CA ASN B 5 21.64 9.76 -5.81
C ASN B 5 20.50 8.78 -5.60
N ARG B 6 20.65 7.55 -6.09
CA ARG B 6 19.62 6.51 -5.94
C ARG B 6 19.38 6.21 -4.45
N GLU B 7 20.46 6.28 -3.67
CA GLU B 7 20.40 6.00 -2.26
C GLU B 7 19.61 7.06 -1.50
N LEU B 8 19.85 8.32 -1.86
CA LEU B 8 19.11 9.47 -1.35
C LEU B 8 17.61 9.33 -1.61
N VAL B 9 17.26 9.06 -2.86
CA VAL B 9 15.88 8.87 -3.27
C VAL B 9 15.22 7.86 -2.36
N VAL B 10 15.83 6.69 -2.26
CA VAL B 10 15.30 5.58 -1.47
C VAL B 10 15.14 5.97 0.01
N ASP B 11 16.13 6.65 0.57
CA ASP B 11 16.04 7.09 1.95
C ASP B 11 14.91 8.11 2.16
N PHE B 12 14.89 9.14 1.34
CA PHE B 12 13.89 10.18 1.44
C PHE B 12 12.47 9.60 1.32
N LEU B 13 12.27 8.74 0.32
CA LEU B 13 10.94 8.14 0.13
C LEU B 13 10.48 7.29 1.31
N SER B 14 11.38 6.51 1.92
CA SER B 14 11.00 5.64 3.05
C SER B 14 10.72 6.50 4.27
N TYR B 15 11.54 7.53 4.44
CA TYR B 15 11.33 8.48 5.52
C TYR B 15 9.93 9.07 5.42
N LYS B 16 9.58 9.57 4.24
CA LYS B 16 8.29 10.24 4.03
C LYS B 16 7.13 9.29 4.20
N LEU B 17 7.23 8.09 3.63
CA LEU B 17 6.18 7.07 3.78
C LEU B 17 5.94 6.76 5.27
N SER B 18 7.03 6.53 5.97
CA SER B 18 7.02 6.24 7.40
C SER B 18 6.44 7.42 8.19
N GLN B 19 6.94 8.62 7.92
CA GLN B 19 6.44 9.84 8.54
C GLN B 19 4.91 9.97 8.43
N LYS B 20 4.37 9.59 7.29
CA LYS B 20 2.93 9.68 7.05
C LYS B 20 2.15 8.45 7.51
N GLY B 21 2.85 7.51 8.15
CA GLY B 21 2.18 6.32 8.71
C GLY B 21 1.83 5.27 7.67
N TYR B 22 2.69 5.08 6.68
CA TYR B 22 2.50 4.03 5.67
C TYR B 22 3.41 2.83 5.96
N SER B 23 2.85 1.63 5.87
CA SER B 23 3.64 0.38 5.79
C SER B 23 2.86 -0.78 5.19
N TRP B 24 3.58 -1.70 4.57
CA TRP B 24 2.94 -2.89 3.97
C TRP B 24 3.87 -4.09 4.16
N SER B 25 4.27 -4.25 5.42
CA SER B 25 5.27 -5.17 5.90
C SER B 25 5.44 -4.69 7.33
N GLN B 26 6.11 -5.47 8.18
CA GLN B 26 6.27 -5.02 9.56
C GLN B 26 7.31 -3.88 9.76
N PHE B 27 7.94 -3.45 8.66
CA PHE B 27 8.90 -2.32 8.69
C PHE B 27 8.24 -0.95 8.86
N THR B 41 28.71 7.88 7.60
CA THR B 41 28.72 9.10 8.44
C THR B 41 28.55 10.36 7.58
N GLU B 42 29.36 10.48 6.52
CA GLU B 42 29.22 11.56 5.55
C GLU B 42 27.97 11.36 4.69
N SER B 43 27.72 10.10 4.33
CA SER B 43 26.50 9.69 3.65
C SER B 43 25.28 9.94 4.55
N GLU B 44 25.43 9.64 5.84
CA GLU B 44 24.37 9.88 6.82
C GLU B 44 24.04 11.38 6.91
N ALA B 45 25.09 12.19 6.97
CA ALA B 45 24.94 13.63 7.13
C ALA B 45 24.15 14.30 6.01
N VAL B 46 24.31 13.79 4.78
CA VAL B 46 23.55 14.29 3.61
C VAL B 46 22.08 13.89 3.73
N LYS B 47 21.84 12.61 4.02
CA LYS B 47 20.50 12.09 4.22
C LYS B 47 19.74 12.91 5.27
N GLN B 48 20.43 13.22 6.37
CA GLN B 48 19.80 13.85 7.51
C GLN B 48 19.41 15.28 7.17
N ALA B 49 20.31 15.97 6.47
CA ALA B 49 20.09 17.34 6.08
C ALA B 49 18.97 17.42 5.01
N LEU B 50 18.91 16.42 4.12
CA LEU B 50 17.86 16.35 3.08
C LEU B 50 16.48 16.09 3.68
N ARG B 51 16.40 15.12 4.58
CA ARG B 51 15.20 14.86 5.39
C ARG B 51 14.71 16.14 6.06
N GLU B 52 15.62 16.82 6.75
CA GLU B 52 15.30 18.03 7.49
C GLU B 52 14.89 19.19 6.59
N ALA B 53 15.61 19.39 5.49
CA ALA B 53 15.24 20.41 4.51
C ALA B 53 13.89 20.09 3.85
N GLY B 54 13.64 18.80 3.57
CA GLY B 54 12.35 18.39 3.01
C GLY B 54 11.23 18.69 3.98
N ASP B 55 11.47 18.41 5.26
CA ASP B 55 10.51 18.70 6.31
C ASP B 55 10.20 20.19 6.42
N GLU B 56 11.24 21.03 6.47
CA GLU B 56 11.00 22.47 6.58
C GLU B 56 10.28 23.02 5.34
N PHE B 57 10.68 22.55 4.15
CA PHE B 57 10.08 22.98 2.90
C PHE B 57 8.58 22.66 2.90
N GLU B 58 8.25 21.47 3.38
CA GLU B 58 6.87 21.06 3.44
C GLU B 58 6.09 21.90 4.47
N LEU B 59 6.70 22.22 5.60
CA LEU B 59 6.02 23.06 6.57
C LEU B 59 5.78 24.46 6.03
N ARG B 60 6.75 24.99 5.28
CA ARG B 60 6.65 26.36 4.80
C ARG B 60 5.76 26.48 3.57
N TYR B 61 5.79 25.46 2.71
CA TYR B 61 5.14 25.57 1.42
C TYR B 61 4.00 24.61 1.10
N ARG B 62 3.59 23.74 2.03
CA ARG B 62 2.61 22.72 1.61
C ARG B 62 1.27 23.34 1.23
N ARG B 63 0.86 24.38 1.96
CA ARG B 63 -0.32 25.14 1.57
C ARG B 63 -0.25 25.64 0.12
N ALA B 64 0.85 26.32 -0.21
CA ALA B 64 1.07 26.87 -1.57
C ALA B 64 1.27 25.81 -2.66
N PHE B 65 1.86 24.67 -2.30
CA PHE B 65 2.11 23.55 -3.20
C PHE B 65 0.79 22.78 -3.35
N SER B 66 -0.02 22.79 -2.29
CA SER B 66 -1.20 21.92 -2.13
C SER B 66 -2.25 22.02 -3.23
N ASP B 67 -2.46 23.22 -3.75
CA ASP B 67 -3.44 23.46 -4.81
C ASP B 67 -3.09 22.69 -6.09
N LEU B 68 -1.80 22.44 -6.28
CA LEU B 68 -1.31 21.71 -7.46
C LEU B 68 -1.13 20.21 -7.18
N THR B 69 -0.59 19.86 -6.01
CA THR B 69 -0.33 18.47 -5.64
C THR B 69 -1.55 17.76 -5.03
N SER B 70 -2.75 18.21 -5.41
CA SER B 70 -3.99 17.63 -4.92
C SER B 70 -4.36 16.35 -5.67
N GLN B 71 -4.78 16.49 -6.93
CA GLN B 71 -5.24 15.36 -7.75
C GLN B 71 -4.12 14.45 -8.26
N LEU B 72 -2.93 15.03 -8.42
CA LEU B 72 -1.77 14.31 -8.99
C LEU B 72 -1.46 12.99 -8.29
N HIS B 73 -1.86 11.91 -8.95
CA HIS B 73 -1.79 10.55 -8.42
C HIS B 73 -1.41 9.62 -9.57
N ILE B 74 -0.28 8.92 -9.45
CA ILE B 74 0.22 8.08 -10.53
C ILE B 74 -0.45 6.70 -10.51
N THR B 75 -0.76 6.23 -11.71
CA THR B 75 -1.48 5.00 -11.89
C THR B 75 -0.55 4.07 -12.69
N PRO B 76 -0.88 2.77 -12.76
CA PRO B 76 -0.16 1.80 -13.60
C PRO B 76 0.33 2.33 -14.95
N GLY B 77 -0.43 3.24 -15.56
CA GLY B 77 -0.11 3.69 -16.91
C GLY B 77 0.69 4.97 -17.06
N THR B 78 0.77 5.78 -16.00
CA THR B 78 1.47 7.07 -16.07
C THR B 78 2.86 6.92 -16.68
N ALA B 79 3.18 7.79 -17.65
CA ALA B 79 4.47 7.68 -18.32
C ALA B 79 5.52 8.56 -17.64
N TYR B 80 6.76 8.06 -17.59
CA TYR B 80 7.87 8.84 -17.09
C TYR B 80 7.90 10.24 -17.76
N GLN B 81 7.60 10.31 -19.06
CA GLN B 81 7.75 11.57 -19.81
C GLN B 81 6.83 12.67 -19.31
N SER B 82 5.66 12.26 -18.80
CA SER B 82 4.69 13.18 -18.19
C SER B 82 5.30 13.74 -16.92
N PHE B 83 5.78 12.84 -16.07
CA PHE B 83 6.53 13.18 -14.86
C PHE B 83 7.66 14.15 -15.19
N GLU B 84 8.45 13.81 -16.21
CA GLU B 84 9.61 14.63 -16.59
C GLU B 84 9.19 16.01 -17.10
N GLN B 85 8.17 16.05 -17.97
CA GLN B 85 7.64 17.35 -18.45
C GLN B 85 7.16 18.23 -17.30
N VAL B 86 6.47 17.64 -16.32
CA VAL B 86 5.99 18.41 -15.17
C VAL B 86 7.16 18.91 -14.31
N VAL B 87 8.09 18.02 -13.99
CA VAL B 87 9.22 18.40 -13.16
C VAL B 87 10.11 19.48 -13.81
N ASN B 88 10.35 19.38 -15.13
CA ASN B 88 11.10 20.41 -15.89
C ASN B 88 10.65 21.84 -15.59
N GLU B 89 9.35 22.03 -15.33
CA GLU B 89 8.83 23.34 -14.95
C GLU B 89 9.53 23.94 -13.73
N LEU B 90 9.81 23.10 -12.74
CA LEU B 90 10.46 23.51 -11.51
C LEU B 90 11.87 24.04 -11.78
N PHE B 91 12.51 23.52 -12.81
CA PHE B 91 13.90 23.82 -13.09
C PHE B 91 14.07 24.71 -14.31
N ARG B 92 12.99 25.31 -14.77
CA ARG B 92 13.01 26.12 -15.99
C ARG B 92 14.01 27.27 -15.90
N ASP B 93 14.02 27.99 -14.77
CA ASP B 93 14.99 29.07 -14.55
C ASP B 93 16.32 28.59 -13.97
N GLY B 94 16.58 27.29 -14.07
CA GLY B 94 17.84 26.73 -13.59
C GLY B 94 17.79 25.96 -12.29
N VAL B 95 18.91 25.31 -11.98
CA VAL B 95 19.02 24.43 -10.83
C VAL B 95 19.64 25.16 -9.64
N ASN B 96 19.01 25.05 -8.49
CA ASN B 96 19.65 25.36 -7.21
C ASN B 96 19.20 24.36 -6.16
N TRP B 97 19.84 24.41 -4.98
CA TRP B 97 19.59 23.43 -3.92
C TRP B 97 18.13 23.45 -3.47
N GLY B 98 17.55 24.65 -3.41
CA GLY B 98 16.16 24.82 -3.01
C GLY B 98 15.24 24.04 -3.91
N ARG B 99 15.47 24.17 -5.21
CA ARG B 99 14.68 23.47 -6.20
C ARG B 99 14.94 21.98 -6.18
N ILE B 100 16.17 21.59 -5.85
CA ILE B 100 16.47 20.16 -5.67
C ILE B 100 15.64 19.58 -4.52
N VAL B 101 15.56 20.32 -3.41
CA VAL B 101 14.78 19.92 -2.25
C VAL B 101 13.29 19.82 -2.57
N ALA B 102 12.79 20.81 -3.33
CA ALA B 102 11.40 20.81 -3.79
C ALA B 102 11.13 19.55 -4.61
N PHE B 103 12.09 19.16 -5.41
CA PHE B 103 11.99 17.96 -6.24
C PHE B 103 11.81 16.70 -5.39
N PHE B 104 12.70 16.48 -4.42
CA PHE B 104 12.54 15.36 -3.48
C PHE B 104 11.17 15.39 -2.78
N SER B 105 10.75 16.57 -2.30
CA SER B 105 9.47 16.70 -1.59
C SER B 105 8.28 16.43 -2.51
N PHE B 106 8.39 16.90 -3.74
CA PHE B 106 7.37 16.67 -4.73
C PHE B 106 7.26 15.15 -4.95
N GLY B 107 8.41 14.52 -5.20
CA GLY B 107 8.48 13.06 -5.33
C GLY B 107 7.86 12.33 -4.14
N GLY B 108 8.20 12.77 -2.94
CA GLY B 108 7.68 12.12 -1.72
C GLY B 108 6.18 12.31 -1.59
N ALA B 109 5.68 13.46 -2.02
CA ALA B 109 4.25 13.71 -1.93
C ALA B 109 3.50 12.92 -3.01
N LEU B 110 4.12 12.78 -4.18
CA LEU B 110 3.52 12.00 -5.25
C LEU B 110 3.36 10.55 -4.80
N CYS B 111 4.44 10.04 -4.26
CA CYS B 111 4.56 8.68 -3.83
C CYS B 111 3.57 8.35 -2.70
N VAL B 112 3.52 9.22 -1.70
CA VAL B 112 2.53 9.11 -0.62
C VAL B 112 1.10 9.12 -1.13
N GLU B 113 0.80 10.05 -2.05
CA GLU B 113 -0.55 10.17 -2.61
C GLU B 113 -0.98 8.96 -3.46
N SER B 114 -0.11 8.50 -4.35
CA SER B 114 -0.38 7.34 -5.18
C SER B 114 -0.59 6.07 -4.35
N VAL B 115 0.30 5.84 -3.38
CA VAL B 115 0.21 4.64 -2.55
C VAL B 115 -1.16 4.60 -1.89
N ASP B 116 -1.54 5.74 -1.31
CA ASP B 116 -2.82 5.84 -0.61
C ASP B 116 -4.00 5.44 -1.50
N LYS B 117 -4.08 6.03 -2.68
CA LYS B 117 -5.17 5.78 -3.61
C LYS B 117 -5.19 4.34 -4.12
N GLU B 118 -4.04 3.91 -4.64
CA GLU B 118 -3.88 2.57 -5.19
C GLU B 118 -4.22 1.49 -4.14
N MET B 119 -3.73 1.69 -2.92
CA MET B 119 -4.08 0.73 -1.87
C MET B 119 -5.56 0.69 -1.52
N GLN B 120 -6.20 1.84 -1.52
CA GLN B 120 -7.62 1.90 -1.25
C GLN B 120 -8.41 1.21 -2.35
N VAL B 121 -7.98 1.41 -3.60
CA VAL B 121 -8.66 0.81 -4.74
C VAL B 121 -8.54 -0.71 -4.72
N LEU B 122 -7.32 -1.19 -4.47
CA LEU B 122 -7.04 -2.62 -4.39
C LEU B 122 -7.82 -3.35 -3.29
N VAL B 123 -7.81 -2.80 -2.09
CA VAL B 123 -8.48 -3.42 -0.97
C VAL B 123 -10.01 -3.37 -1.13
N SER B 124 -10.53 -2.28 -1.68
CA SER B 124 -11.97 -2.18 -1.97
C SER B 124 -12.44 -3.19 -3.01
N ARG B 125 -11.60 -3.45 -4.00
CA ARG B 125 -11.95 -4.41 -5.05
C ARG B 125 -12.07 -5.82 -4.44
N ILE B 126 -11.05 -6.20 -3.67
CA ILE B 126 -11.06 -7.52 -3.01
C ILE B 126 -12.22 -7.64 -2.02
N ALA B 127 -12.48 -6.59 -1.25
CA ALA B 127 -13.67 -6.57 -0.39
C ALA B 127 -14.96 -6.77 -1.22
N ALA B 128 -15.06 -6.07 -2.35
CA ALA B 128 -16.24 -6.26 -3.22
C ALA B 128 -16.35 -7.68 -3.78
N TRP B 129 -15.21 -8.27 -4.18
CA TRP B 129 -15.16 -9.66 -4.64
C TRP B 129 -15.69 -10.63 -3.58
N MET B 130 -15.22 -10.44 -2.35
CA MET B 130 -15.61 -11.30 -1.25
C MET B 130 -17.10 -11.14 -0.93
N ALA B 131 -17.58 -9.90 -0.85
CA ALA B 131 -19.00 -9.64 -0.61
C ALA B 131 -19.88 -10.26 -1.71
N THR B 132 -19.45 -10.13 -2.97
CA THR B 132 -20.18 -10.75 -4.08
C THR B 132 -20.25 -12.28 -3.89
N TYR B 133 -19.11 -12.90 -3.58
CA TYR B 133 -19.07 -14.35 -3.44
C TYR B 133 -19.94 -14.83 -2.28
N LEU B 134 -19.89 -14.10 -1.17
CA LEU B 134 -20.71 -14.41 0.00
C LEU B 134 -22.20 -14.39 -0.32
N ASN B 135 -22.64 -13.32 -0.97
CA ASN B 135 -24.05 -13.12 -1.33
C ASN B 135 -24.61 -14.19 -2.30
N ASP B 136 -23.87 -14.50 -3.36
CA ASP B 136 -24.28 -15.48 -4.35
C ASP B 136 -24.20 -16.93 -3.88
N HIS B 137 -23.10 -17.29 -3.20
CA HIS B 137 -22.82 -18.70 -2.95
C HIS B 137 -23.01 -19.16 -1.52
N LEU B 138 -22.93 -18.23 -0.56
CA LEU B 138 -22.84 -18.65 0.84
C LEU B 138 -23.98 -18.19 1.71
N GLU B 139 -24.54 -17.04 1.40
CA GLU B 139 -25.64 -16.49 2.23
C GLU B 139 -26.86 -17.42 2.35
N PRO B 140 -27.29 -18.07 1.23
CA PRO B 140 -28.42 -18.99 1.39
C PRO B 140 -28.15 -20.09 2.42
N TRP B 141 -26.94 -20.66 2.40
CA TRP B 141 -26.58 -21.68 3.39
C TRP B 141 -26.59 -21.14 4.82
N ILE B 142 -26.05 -19.94 4.99
CA ILE B 142 -25.92 -19.31 6.29
C ILE B 142 -27.31 -19.13 6.91
N GLN B 143 -28.26 -18.65 6.10
CA GLN B 143 -29.66 -18.48 6.50
C GLN B 143 -30.34 -19.81 6.83
N GLU B 144 -29.99 -20.84 6.09
CA GLU B 144 -30.54 -22.17 6.28
C GLU B 144 -29.97 -22.86 7.53
N ASN B 145 -28.80 -22.42 7.97
CA ASN B 145 -28.10 -23.09 9.07
C ASN B 145 -27.92 -22.27 10.34
N GLY B 146 -28.81 -21.30 10.55
CA GLY B 146 -28.90 -20.60 11.83
C GLY B 146 -28.37 -19.19 11.87
N GLY B 147 -27.84 -18.71 10.74
CA GLY B 147 -27.21 -17.39 10.70
C GLY B 147 -25.88 -17.36 11.43
N TRP B 148 -25.29 -16.17 11.52
CA TRP B 148 -23.98 -16.00 12.14
C TRP B 148 -24.01 -16.22 13.65
N ASP B 149 -25.20 -16.16 14.24
CA ASP B 149 -25.36 -16.35 15.69
C ASP B 149 -25.08 -17.80 16.08
N THR B 150 -25.43 -18.73 15.18
CA THR B 150 -25.15 -20.14 15.37
C THR B 150 -23.65 -20.40 15.25
N PHE B 151 -23.00 -19.68 14.34
CA PHE B 151 -21.56 -19.77 14.19
C PHE B 151 -20.88 -19.41 15.51
N VAL B 152 -21.27 -18.26 16.06
CA VAL B 152 -20.78 -17.82 17.37
C VAL B 152 -21.01 -18.90 18.44
N GLU B 153 -22.23 -19.42 18.50
CA GLU B 153 -22.59 -20.44 19.47
C GLU B 153 -21.67 -21.65 19.32
N LEU B 154 -21.51 -22.12 18.08
CA LEU B 154 -20.67 -23.29 17.81
C LEU B 154 -19.17 -23.01 18.01
N TYR B 155 -18.70 -21.86 17.53
CA TYR B 155 -17.25 -21.65 17.40
C TYR B 155 -16.69 -20.39 18.09
N GLY B 156 -17.46 -19.87 19.05
CA GLY B 156 -16.98 -18.80 19.92
C GLY B 156 -16.30 -19.38 21.14
#